data_6VUS
#
_entry.id   6VUS
#
_cell.length_a   174.735
_cell.length_b   174.735
_cell.length_c   123.954
_cell.angle_alpha   90.000
_cell.angle_beta   90.000
_cell.angle_gamma   120.000
#
_symmetry.space_group_name_H-M   'H 3 2'
#
loop_
_entity.id
_entity.type
_entity.pdbx_description
1 polymer 'N-acetyltransferase Eis'
2 non-polymer 2-[(4-amino-5,6,7,8-tetrahydro[1]benzothieno[2,3-d]pyrimidin-2-yl)sulfanyl]-N-[2-(diethylamino)ethyl]acetamide
3 non-polymer GLYCEROL
4 water water
#
_entity_poly.entity_id   1
_entity_poly.type   'polypeptide(L)'
_entity_poly.pdbx_seq_one_letter_code
;MGSSHHHHHHSSGLVPRGSHMTVTLCSPTEDDWPGMFLLAAASFTDFIGPESATAWRTLVPTDGAVVVRDGAGPGSEVVG
MALYMDLRLTVPGEVVLPTAGLSFVAVAPTHRRRGLLRAMCAELHRRIADSGYPVAALHASEGGIYGRFGYGPATTLHEL
TVDRRFARFHADAPGGGLGGSSVRLVRPTEHRGEFEAIYERWRQQVPGGLLRPQVLWDELLAEAKAAPGGDRESFALLHP
DGYALYRVDRTDLKLARVSELRAVTADAHCALWRALIGLDSMERISIITHPQDPLPHLLTDTRLARTTWRQDGLWLRIMN
VPAALEARGYAHEVGEFSTVLEVSDGGRFALKIGDGRARCTPTDAAAEIEMDRDVLGSLYLGAHRASTLAAANRLRTKDS
QLLRRLDAAFASDVPVQTAFEF
;
_entity_poly.pdbx_strand_id   A
#
loop_
_chem_comp.id
_chem_comp.type
_chem_comp.name
_chem_comp.formula
GOL non-polymer GLYCEROL 'C3 H8 O3'
RNV non-polymer 2-[(4-amino-5,6,7,8-tetrahydro[1]benzothieno[2,3-d]pyrimidin-2-yl)sulfanyl]-N-[2-(diethylamino)ethyl]acetamide 'C18 H27 N5 O S2'
#
# COMPACT_ATOMS: atom_id res chain seq x y z
N VAL A 23 8.61 32.84 -8.30
CA VAL A 23 8.25 31.38 -8.27
C VAL A 23 9.53 30.57 -8.51
N THR A 24 10.25 30.27 -7.41
CA THR A 24 11.46 29.44 -7.44
C THR A 24 11.23 28.20 -6.57
N LEU A 25 12.07 27.17 -6.78
CA LEU A 25 11.93 25.84 -6.17
C LEU A 25 13.19 25.53 -5.32
N CYS A 26 12.98 25.25 -4.03
CA CYS A 26 14.06 25.09 -3.04
C CYS A 26 13.78 23.92 -2.09
N SER A 27 14.84 23.38 -1.50
CA SER A 27 14.73 22.57 -0.29
C SER A 27 14.32 23.48 0.87
N PRO A 28 13.32 23.10 1.69
CA PRO A 28 12.90 23.94 2.81
C PRO A 28 13.94 24.01 3.93
N THR A 29 14.04 25.19 4.56
CA THR A 29 14.77 25.39 5.81
C THR A 29 13.79 25.21 6.97
N GLU A 30 14.29 25.28 8.20
CA GLU A 30 13.44 25.12 9.38
C GLU A 30 12.33 26.19 9.39
N ASP A 31 12.61 27.37 8.83
CA ASP A 31 11.70 28.53 8.85
C ASP A 31 10.56 28.40 7.83
N ASP A 32 10.66 27.41 6.93
CA ASP A 32 9.63 27.18 5.92
C ASP A 32 8.51 26.29 6.47
N TRP A 33 8.75 25.56 7.57
CA TRP A 33 7.86 24.49 8.01
C TRP A 33 6.55 25.02 8.58
N PRO A 34 6.50 26.16 9.32
CA PRO A 34 5.22 26.75 9.70
C PRO A 34 4.33 27.05 8.48
N GLY A 35 4.92 27.56 7.40
CA GLY A 35 4.21 27.81 6.13
C GLY A 35 3.73 26.53 5.46
N MET A 36 4.51 25.44 5.62
CA MET A 36 4.17 24.15 5.04
C MET A 36 3.00 23.53 5.80
N PHE A 37 3.02 23.64 7.13
CA PHE A 37 1.92 23.16 7.99
C PHE A 37 0.62 23.92 7.70
N LEU A 38 0.72 25.23 7.40
CA LEU A 38 -0.47 26.02 7.03
C LEU A 38 -1.06 25.47 5.73
N LEU A 39 -0.22 25.29 4.70
CA LEU A 39 -0.70 24.73 3.44
C LEU A 39 -1.31 23.33 3.67
N ALA A 40 -0.72 22.57 4.60
CA ALA A 40 -1.14 21.21 4.92
C ALA A 40 -2.53 21.21 5.55
N ALA A 41 -2.73 22.07 6.54
CA ALA A 41 -4.01 22.20 7.22
C ALA A 41 -5.10 22.61 6.21
N ALA A 42 -4.74 23.44 5.23
CA ALA A 42 -5.69 23.94 4.24
C ALA A 42 -5.93 22.92 3.12
N SER A 43 -4.98 22.00 2.90
CA SER A 43 -5.04 21.09 1.74
C SER A 43 -5.57 19.71 2.15
N PHE A 44 -5.31 19.28 3.40
CA PHE A 44 -5.62 17.93 3.87
C PHE A 44 -6.57 18.01 5.06
N THR A 45 -7.79 17.51 4.89
CA THR A 45 -8.82 17.63 5.94
C THR A 45 -8.47 16.73 7.13
N ASP A 46 -7.78 15.62 6.84
CA ASP A 46 -7.39 14.61 7.83
C ASP A 46 -6.08 15.00 8.54
N PHE A 47 -5.58 16.22 8.32
CA PHE A 47 -4.29 16.63 8.88
C PHE A 47 -4.39 16.66 10.41
N ILE A 48 -3.56 15.84 11.07
CA ILE A 48 -3.20 16.01 12.46
C ILE A 48 -2.11 17.09 12.48
N GLY A 49 -2.13 17.94 13.51
CA GLY A 49 -1.36 19.17 13.52
C GLY A 49 0.15 18.95 13.63
N PRO A 50 0.92 20.03 13.88
CA PRO A 50 2.39 19.96 13.96
C PRO A 50 3.02 18.91 14.90
N GLU A 51 2.34 18.54 15.99
CA GLU A 51 2.91 17.58 16.96
C GLU A 51 3.13 16.20 16.31
N SER A 52 2.11 15.68 15.64
CA SER A 52 2.17 14.38 14.97
C SER A 52 3.10 14.44 13.76
N ALA A 53 3.20 15.62 13.14
CA ALA A 53 4.07 15.85 11.99
C ALA A 53 5.54 15.61 12.35
N THR A 54 5.91 15.87 13.61
CA THR A 54 7.28 15.66 14.14
C THR A 54 7.72 14.20 13.92
N ALA A 55 6.83 13.27 14.25
CA ALA A 55 7.09 11.84 14.10
C ALA A 55 7.34 11.50 12.62
N TRP A 56 6.45 11.97 11.73
CA TRP A 56 6.52 11.64 10.30
C TRP A 56 7.76 12.26 9.67
N ARG A 57 8.12 13.45 10.15
CA ARG A 57 9.27 14.22 9.67
C ARG A 57 10.57 13.43 9.82
N THR A 58 10.69 12.58 10.85
CA THR A 58 11.93 11.81 11.08
C THR A 58 12.16 10.80 9.93
N LEU A 59 11.15 10.54 9.09
CA LEU A 59 11.28 9.60 7.96
C LEU A 59 11.63 10.34 6.65
N VAL A 60 11.71 11.67 6.72
CA VAL A 60 12.08 12.47 5.57
C VAL A 60 13.58 12.68 5.61
N PRO A 61 14.34 12.22 4.59
CA PRO A 61 15.79 12.47 4.58
C PRO A 61 16.11 13.94 4.27
N THR A 62 17.35 14.32 4.56
CA THR A 62 17.91 15.68 4.49
C THR A 62 17.40 16.51 3.29
N ASP A 63 17.46 15.96 2.08
CA ASP A 63 17.05 16.71 0.88
C ASP A 63 15.85 16.01 0.23
N GLY A 64 14.95 15.49 1.08
CA GLY A 64 13.79 14.72 0.66
C GLY A 64 12.56 15.60 0.37
N ALA A 65 12.70 16.92 0.50
CA ALA A 65 11.57 17.85 0.43
C ALA A 65 11.89 19.03 -0.49
N VAL A 66 10.85 19.52 -1.18
CA VAL A 66 10.91 20.72 -1.98
C VAL A 66 9.70 21.61 -1.62
N VAL A 67 9.92 22.92 -1.69
CA VAL A 67 8.87 23.91 -1.54
C VAL A 67 8.98 24.91 -2.69
N VAL A 68 7.84 25.55 -2.98
CA VAL A 68 7.78 26.68 -3.88
C VAL A 68 7.31 27.89 -3.05
N ARG A 69 8.08 28.98 -3.13
CA ARG A 69 7.73 30.24 -2.50
C ARG A 69 7.35 31.24 -3.61
N ASP A 70 6.51 32.22 -3.26
CA ASP A 70 6.15 33.30 -4.16
C ASP A 70 6.83 34.58 -3.65
N GLY A 71 7.79 35.09 -4.43
CA GLY A 71 8.51 36.32 -4.13
C GLY A 71 9.77 36.08 -3.32
N SER A 76 8.39 35.66 2.05
CA SER A 76 7.67 34.90 1.02
C SER A 76 6.84 33.79 1.68
N GLU A 77 5.72 33.43 1.04
CA GLU A 77 4.83 32.37 1.54
C GLU A 77 4.99 31.10 0.69
N VAL A 78 4.77 29.95 1.34
CA VAL A 78 4.83 28.63 0.72
C VAL A 78 3.52 28.38 -0.02
N VAL A 79 3.61 28.20 -1.34
CA VAL A 79 2.46 28.01 -2.25
C VAL A 79 2.49 26.61 -2.88
N GLY A 80 3.58 25.87 -2.67
CA GLY A 80 3.73 24.51 -3.17
C GLY A 80 4.71 23.72 -2.33
N MET A 81 4.44 22.43 -2.14
CA MET A 81 5.37 21.57 -1.43
C MET A 81 5.17 20.12 -1.86
N ALA A 82 6.24 19.33 -1.68
CA ALA A 82 6.25 17.89 -1.91
C ALA A 82 7.50 17.29 -1.26
N LEU A 83 7.38 16.05 -0.81
CA LEU A 83 8.51 15.36 -0.23
C LEU A 83 8.37 13.85 -0.43
N TYR A 84 9.45 13.13 -0.08
CA TYR A 84 9.41 11.68 0.00
C TYR A 84 10.00 11.23 1.35
N MET A 85 9.58 10.05 1.77
CA MET A 85 10.06 9.41 2.97
C MET A 85 10.78 8.12 2.59
N ASP A 86 11.77 7.76 3.42
CA ASP A 86 12.51 6.52 3.27
C ASP A 86 11.68 5.35 3.80
N LEU A 87 11.24 4.48 2.89
CA LEU A 87 10.42 3.32 3.24
C LEU A 87 11.11 2.04 2.78
N ARG A 88 10.60 0.91 3.27
CA ARG A 88 11.05 -0.40 2.89
C ARG A 88 9.80 -1.22 2.52
N LEU A 89 9.76 -1.64 1.24
CA LEU A 89 8.61 -2.25 0.63
C LEU A 89 8.96 -3.69 0.22
N THR A 90 8.10 -4.62 0.63
CA THR A 90 8.23 -6.01 0.29
C THR A 90 7.57 -6.24 -1.08
N VAL A 91 8.30 -6.95 -1.95
CA VAL A 91 7.83 -7.30 -3.30
C VAL A 91 7.85 -8.82 -3.41
N PRO A 92 7.18 -9.43 -4.42
CA PRO A 92 7.12 -10.90 -4.52
C PRO A 92 8.50 -11.54 -4.42
N GLY A 93 8.56 -12.71 -3.76
CA GLY A 93 9.80 -13.39 -3.41
C GLY A 93 10.35 -12.93 -2.07
N GLU A 94 9.56 -12.17 -1.31
CA GLU A 94 9.93 -11.67 0.02
C GLU A 94 11.21 -10.83 -0.06
N VAL A 95 11.38 -10.10 -1.16
CA VAL A 95 12.50 -9.19 -1.34
C VAL A 95 12.04 -7.81 -0.86
N VAL A 96 12.90 -7.13 -0.08
CA VAL A 96 12.60 -5.82 0.49
C VAL A 96 13.42 -4.75 -0.26
N LEU A 97 12.70 -3.83 -0.93
CA LEU A 97 13.32 -2.74 -1.69
C LEU A 97 13.30 -1.44 -0.91
N PRO A 98 14.39 -0.64 -0.94
CA PRO A 98 14.33 0.75 -0.50
C PRO A 98 13.35 1.49 -1.43
N THR A 99 12.40 2.23 -0.84
CA THR A 99 11.30 2.84 -1.60
C THR A 99 11.16 4.30 -1.18
N ALA A 100 11.09 5.19 -2.17
CA ALA A 100 10.80 6.60 -1.93
C ALA A 100 9.29 6.79 -1.85
N GLY A 101 8.80 7.11 -0.65
CA GLY A 101 7.36 7.29 -0.38
C GLY A 101 6.93 8.74 -0.53
N LEU A 102 6.45 9.10 -1.72
CA LEU A 102 5.95 10.45 -2.02
C LEU A 102 4.76 10.74 -1.12
N SER A 103 4.68 11.98 -0.63
CA SER A 103 3.77 12.35 0.42
C SER A 103 3.76 13.88 0.60
N PHE A 104 2.73 14.39 1.29
CA PHE A 104 2.64 15.77 1.73
C PHE A 104 2.70 16.71 0.51
N VAL A 105 2.08 16.27 -0.60
CA VAL A 105 2.09 17.01 -1.86
C VAL A 105 0.87 17.93 -1.87
N ALA A 106 1.11 19.22 -2.16
CA ALA A 106 0.08 20.24 -2.08
C ALA A 106 0.50 21.47 -2.89
N VAL A 107 -0.48 22.01 -3.62
CA VAL A 107 -0.38 23.27 -4.32
C VAL A 107 -1.48 24.17 -3.75
N ALA A 108 -1.12 25.41 -3.40
CA ALA A 108 -2.06 26.38 -2.83
C ALA A 108 -3.21 26.61 -3.80
N PRO A 109 -4.45 26.84 -3.32
CA PRO A 109 -5.59 27.03 -4.21
C PRO A 109 -5.46 28.33 -5.03
N THR A 110 -4.55 29.21 -4.59
CA THR A 110 -4.26 30.48 -5.23
C THR A 110 -3.33 30.32 -6.44
N HIS A 111 -2.74 29.13 -6.62
CA HIS A 111 -1.67 28.93 -7.59
C HIS A 111 -1.87 27.68 -8.45
N ARG A 112 -3.14 27.28 -8.68
CA ARG A 112 -3.44 26.16 -9.57
C ARG A 112 -3.03 26.51 -11.01
N ARG A 113 -2.98 25.46 -11.85
CA ARG A 113 -2.76 25.53 -13.31
C ARG A 113 -1.53 26.40 -13.62
N ARG A 114 -0.45 26.21 -12.85
CA ARG A 114 0.75 27.05 -12.96
C ARG A 114 2.02 26.19 -13.12
N GLY A 115 1.86 24.89 -13.41
CA GLY A 115 3.00 23.98 -13.65
C GLY A 115 3.72 23.53 -12.38
N LEU A 116 3.18 23.85 -11.19
CA LEU A 116 3.90 23.68 -9.93
C LEU A 116 4.05 22.20 -9.55
N LEU A 117 2.97 21.42 -9.68
CA LEU A 117 3.02 19.99 -9.37
C LEU A 117 4.07 19.31 -10.28
N ARG A 118 4.01 19.62 -11.59
CA ARG A 118 4.92 19.04 -12.60
C ARG A 118 6.38 19.36 -12.23
N ALA A 119 6.64 20.61 -11.85
CA ALA A 119 7.98 21.08 -11.50
C ALA A 119 8.49 20.40 -10.23
N MET A 120 7.64 20.28 -9.21
CA MET A 120 8.03 19.66 -7.93
C MET A 120 8.28 18.16 -8.13
N CYS A 121 7.39 17.49 -8.88
CA CYS A 121 7.50 16.04 -9.11
C CYS A 121 8.77 15.71 -9.91
N ALA A 122 9.10 16.57 -10.89
CA ALA A 122 10.30 16.40 -11.72
C ALA A 122 11.56 16.47 -10.85
N GLU A 123 11.62 17.46 -9.95
CA GLU A 123 12.78 17.67 -9.09
C GLU A 123 12.95 16.49 -8.12
N LEU A 124 11.84 16.05 -7.52
CA LEU A 124 11.92 14.97 -6.52
C LEU A 124 12.33 13.66 -7.21
N HIS A 125 11.80 13.39 -8.41
CA HIS A 125 12.12 12.17 -9.16
C HIS A 125 13.61 12.13 -9.53
N ARG A 126 14.16 13.29 -9.89
CA ARG A 126 15.59 13.48 -10.16
C ARG A 126 16.39 13.05 -8.92
N ARG A 127 16.05 13.63 -7.76
CA ARG A 127 16.71 13.36 -6.47
C ARG A 127 16.59 11.87 -6.10
N ILE A 128 15.37 11.32 -6.25
CA ILE A 128 15.09 9.93 -5.91
C ILE A 128 15.94 9.00 -6.79
N ALA A 129 15.91 9.24 -8.11
CA ALA A 129 16.72 8.47 -9.07
C ALA A 129 18.20 8.53 -8.69
N ASP A 130 18.73 9.75 -8.51
CA ASP A 130 20.16 9.98 -8.23
C ASP A 130 20.56 9.36 -6.90
N SER A 131 19.63 9.30 -5.94
CA SER A 131 19.90 8.74 -4.61
C SER A 131 19.95 7.21 -4.65
N GLY A 132 19.41 6.58 -5.70
CA GLY A 132 19.54 5.12 -5.93
C GLY A 132 18.34 4.29 -5.50
N TYR A 133 17.16 4.92 -5.33
CA TYR A 133 15.92 4.17 -5.07
C TYR A 133 15.48 3.49 -6.37
N PRO A 134 15.20 2.17 -6.36
CA PRO A 134 14.65 1.52 -7.55
C PRO A 134 13.17 1.82 -7.83
N VAL A 135 12.40 2.14 -6.78
CA VAL A 135 10.97 2.42 -6.91
C VAL A 135 10.59 3.60 -6.01
N ALA A 136 9.56 4.33 -6.47
CA ALA A 136 8.82 5.29 -5.68
C ALA A 136 7.38 4.81 -5.56
N ALA A 137 6.70 5.28 -4.50
CA ALA A 137 5.35 4.85 -4.16
C ALA A 137 4.57 6.00 -3.52
N LEU A 138 3.24 5.95 -3.67
CA LEU A 138 2.32 6.92 -3.06
C LEU A 138 0.91 6.33 -2.92
N HIS A 139 0.13 6.99 -2.06
CA HIS A 139 -1.35 6.88 -2.00
C HIS A 139 -1.96 8.13 -2.64
N ALA A 140 -2.89 7.91 -3.59
CA ALA A 140 -3.40 8.97 -4.47
C ALA A 140 -4.69 9.56 -3.89
N SER A 141 -4.71 10.89 -3.76
CA SER A 141 -5.90 11.64 -3.33
C SER A 141 -6.99 11.53 -4.41
N GLU A 142 -6.57 11.60 -5.68
CA GLU A 142 -7.43 11.34 -6.83
C GLU A 142 -6.71 10.37 -7.77
N GLY A 143 -7.50 9.61 -8.55
CA GLY A 143 -6.98 8.56 -9.43
C GLY A 143 -6.52 9.06 -10.79
N GLY A 144 -6.80 10.33 -11.12
CA GLY A 144 -6.54 10.90 -12.46
C GLY A 144 -5.25 11.72 -12.55
N ILE A 145 -4.55 11.85 -11.42
CA ILE A 145 -3.41 12.76 -11.30
C ILE A 145 -2.11 12.04 -11.70
N TYR A 146 -1.82 10.88 -11.10
CA TYR A 146 -0.42 10.42 -10.95
C TYR A 146 0.02 9.49 -12.10
N GLY A 147 -0.90 9.05 -12.95
CA GLY A 147 -0.58 8.22 -14.12
C GLY A 147 0.42 8.89 -15.06
N ARG A 148 0.25 10.20 -15.27
CA ARG A 148 1.07 10.95 -16.24
C ARG A 148 2.51 11.11 -15.71
N PHE A 149 2.73 10.91 -14.41
CA PHE A 149 4.07 10.98 -13.80
C PHE A 149 4.68 9.59 -13.62
N GLY A 150 4.06 8.56 -14.22
CA GLY A 150 4.61 7.19 -14.31
C GLY A 150 4.21 6.29 -13.15
N TYR A 151 3.26 6.71 -12.30
CA TYR A 151 2.75 5.89 -11.20
C TYR A 151 1.53 5.07 -11.67
N GLY A 152 1.56 3.77 -11.37
CA GLY A 152 0.45 2.87 -11.67
C GLY A 152 -0.12 2.27 -10.39
N PRO A 153 -1.46 2.13 -10.26
CA PRO A 153 -2.05 1.48 -9.10
C PRO A 153 -1.57 0.02 -9.04
N ALA A 154 -1.11 -0.41 -7.87
CA ALA A 154 -0.37 -1.67 -7.72
C ALA A 154 -0.97 -2.58 -6.65
N THR A 155 -1.81 -2.03 -5.75
CA THR A 155 -2.60 -2.82 -4.80
C THR A 155 -4.05 -2.35 -4.87
N THR A 156 -4.98 -3.25 -4.51
CA THR A 156 -6.41 -2.98 -4.48
C THR A 156 -6.93 -3.11 -3.05
N LEU A 157 -7.55 -2.03 -2.56
CA LEU A 157 -8.29 -2.04 -1.30
C LEU A 157 -9.71 -2.56 -1.55
N HIS A 158 -10.16 -3.41 -0.63
CA HIS A 158 -11.40 -4.13 -0.74
C HIS A 158 -12.10 -4.07 0.62
N GLU A 159 -13.19 -3.30 0.73
CA GLU A 159 -13.96 -3.26 1.96
C GLU A 159 -14.99 -4.41 1.96
N LEU A 160 -14.91 -5.24 3.00
CA LEU A 160 -15.93 -6.22 3.34
C LEU A 160 -16.71 -5.75 4.57
N THR A 161 -18.04 -5.85 4.47
CA THR A 161 -18.97 -5.64 5.56
C THR A 161 -19.69 -6.97 5.82
N VAL A 162 -19.54 -7.49 7.03
CA VAL A 162 -20.19 -8.73 7.44
C VAL A 162 -21.41 -8.38 8.33
N ASP A 163 -22.60 -8.85 7.93
CA ASP A 163 -23.75 -8.85 8.85
C ASP A 163 -23.58 -10.05 9.79
N ARG A 164 -22.97 -9.77 10.94
CA ARG A 164 -22.49 -10.80 11.85
C ARG A 164 -23.63 -11.55 12.55
N ARG A 165 -24.87 -11.03 12.46
CA ARG A 165 -26.02 -11.68 13.11
C ARG A 165 -26.35 -13.01 12.43
N PHE A 166 -26.02 -13.14 11.14
CA PHE A 166 -26.32 -14.35 10.36
C PHE A 166 -25.09 -15.25 10.20
N ALA A 167 -23.92 -14.73 10.58
CA ALA A 167 -22.65 -15.37 10.28
C ALA A 167 -22.51 -16.65 11.10
N ARG A 168 -22.37 -17.78 10.40
CA ARG A 168 -22.03 -19.07 10.97
C ARG A 168 -20.77 -19.58 10.25
N PHE A 169 -19.85 -20.15 11.03
CA PHE A 169 -18.61 -20.70 10.47
C PHE A 169 -18.86 -22.09 9.88
N HIS A 170 -18.19 -22.33 8.74
CA HIS A 170 -18.24 -23.60 8.02
C HIS A 170 -17.62 -24.69 8.90
N ALA A 171 -18.13 -25.91 8.76
CA ALA A 171 -17.59 -27.11 9.43
C ALA A 171 -16.07 -27.21 9.21
N ASP A 172 -15.58 -26.79 8.03
CA ASP A 172 -14.16 -26.93 7.64
C ASP A 172 -13.28 -25.85 8.30
N ALA A 173 -13.87 -24.75 8.79
CA ALA A 173 -13.08 -23.59 9.29
C ALA A 173 -12.22 -24.03 10.48
N PRO A 174 -10.94 -23.60 10.56
CA PRO A 174 -10.10 -23.91 11.73
C PRO A 174 -10.63 -23.35 13.05
N GLY A 175 -10.17 -23.93 14.17
CA GLY A 175 -10.32 -23.38 15.53
C GLY A 175 -11.77 -23.34 16.01
N GLY A 176 -12.51 -24.41 15.78
CA GLY A 176 -13.92 -24.53 16.20
C GLY A 176 -14.13 -25.62 17.24
N GLY A 177 -13.03 -26.16 17.79
CA GLY A 177 -13.05 -27.25 18.76
C GLY A 177 -13.32 -26.77 20.18
N LEU A 178 -13.58 -27.72 21.08
CA LEU A 178 -13.82 -27.45 22.50
C LEU A 178 -12.53 -26.97 23.17
N GLY A 179 -12.64 -26.56 24.44
CA GLY A 179 -11.54 -25.98 25.20
C GLY A 179 -11.53 -24.46 25.11
N GLY A 180 -10.42 -23.85 25.54
CA GLY A 180 -10.30 -22.39 25.66
C GLY A 180 -9.95 -21.73 24.32
N SER A 181 -10.16 -20.41 24.26
CA SER A 181 -9.79 -19.60 23.10
C SER A 181 -8.31 -19.18 23.22
N SER A 182 -7.68 -19.05 22.05
CA SER A 182 -6.30 -18.60 21.91
C SER A 182 -6.24 -17.08 21.74
N VAL A 183 -7.40 -16.43 21.63
CA VAL A 183 -7.50 -14.98 21.39
C VAL A 183 -7.87 -14.28 22.70
N ARG A 184 -7.18 -13.16 22.97
CA ARG A 184 -7.43 -12.34 24.15
C ARG A 184 -7.90 -10.94 23.72
N LEU A 185 -8.86 -10.39 24.47
CA LEU A 185 -9.30 -9.03 24.30
C LEU A 185 -8.44 -8.14 25.20
N VAL A 186 -7.73 -7.17 24.60
CA VAL A 186 -6.75 -6.39 25.35
C VAL A 186 -6.80 -4.92 24.94
N ARG A 187 -6.15 -4.10 25.77
CA ARG A 187 -5.87 -2.69 25.52
C ARG A 187 -4.63 -2.62 24.62
N PRO A 188 -4.71 -1.95 23.45
CA PRO A 188 -3.55 -1.84 22.56
C PRO A 188 -2.24 -1.37 23.22
N THR A 189 -2.31 -0.35 24.07
CA THR A 189 -1.10 0.33 24.59
C THR A 189 -0.31 -0.60 25.54
N GLU A 190 -0.93 -1.67 26.04
CA GLU A 190 -0.30 -2.57 27.04
C GLU A 190 0.36 -3.77 26.37
N HIS A 191 0.26 -3.89 25.03
CA HIS A 191 0.81 -5.05 24.31
C HIS A 191 1.53 -4.60 23.03
N ARG A 192 2.25 -3.48 23.12
CA ARG A 192 2.89 -2.85 21.97
C ARG A 192 3.89 -3.83 21.33
N GLY A 193 4.74 -4.42 22.16
CA GLY A 193 5.78 -5.37 21.75
C GLY A 193 5.25 -6.51 20.91
N GLU A 194 4.09 -7.06 21.29
CA GLU A 194 3.51 -8.22 20.58
C GLU A 194 2.97 -7.78 19.21
N PHE A 195 2.30 -6.63 19.15
CA PHE A 195 1.80 -6.10 17.87
C PHE A 195 2.97 -5.84 16.92
N GLU A 196 4.01 -5.19 17.44
CA GLU A 196 5.22 -4.86 16.68
C GLU A 196 5.81 -6.12 16.05
N ALA A 197 6.01 -7.16 16.88
CA ALA A 197 6.66 -8.39 16.44
C ALA A 197 5.79 -9.13 15.42
N ILE A 198 4.47 -9.15 15.62
CA ILE A 198 3.56 -9.83 14.69
C ILE A 198 3.58 -9.08 13.35
N TYR A 199 3.54 -7.74 13.40
CA TYR A 199 3.52 -6.91 12.19
C TYR A 199 4.83 -7.10 11.41
N GLU A 200 5.96 -7.12 12.12
CA GLU A 200 7.29 -7.30 11.52
C GLU A 200 7.31 -8.59 10.70
N ARG A 201 6.81 -9.69 11.28
CA ARG A 201 6.72 -10.99 10.59
C ARG A 201 5.82 -10.85 9.34
N TRP A 202 4.66 -10.21 9.51
CA TRP A 202 3.69 -10.03 8.43
C TRP A 202 4.29 -9.28 7.25
N ARG A 203 4.92 -8.13 7.51
CA ARG A 203 5.34 -7.20 6.46
C ARG A 203 6.47 -7.82 5.62
N GLN A 204 7.27 -8.70 6.23
CA GLN A 204 8.41 -9.34 5.57
C GLN A 204 7.97 -10.46 4.63
N GLN A 205 6.76 -11.02 4.82
CA GLN A 205 6.38 -12.18 4.02
C GLN A 205 5.27 -11.85 3.02
N VAL A 206 4.80 -10.59 2.99
CA VAL A 206 3.64 -10.23 2.16
C VAL A 206 4.03 -9.11 1.19
N PRO A 207 3.86 -9.28 -0.14
CA PRO A 207 4.05 -8.17 -1.07
C PRO A 207 3.10 -6.99 -0.75
N GLY A 208 3.66 -5.77 -0.73
CA GLY A 208 2.97 -4.59 -0.27
C GLY A 208 3.30 -4.24 1.17
N GLY A 209 3.95 -5.15 1.91
CA GLY A 209 4.36 -4.88 3.29
C GLY A 209 5.33 -3.70 3.38
N LEU A 210 5.15 -2.87 4.41
CA LEU A 210 6.06 -1.77 4.72
C LEU A 210 6.58 -1.93 6.15
N LEU A 211 7.88 -1.71 6.34
CA LEU A 211 8.46 -1.53 7.66
C LEU A 211 7.69 -0.38 8.33
N ARG A 212 7.18 -0.62 9.54
CA ARG A 212 6.57 0.43 10.36
C ARG A 212 7.56 0.83 11.44
N PRO A 213 8.24 1.99 11.31
CA PRO A 213 9.21 2.41 12.32
C PRO A 213 8.55 2.77 13.65
N GLN A 214 9.38 2.97 14.68
CA GLN A 214 8.93 3.15 16.06
C GLN A 214 7.99 4.36 16.16
N VAL A 215 8.35 5.46 15.49
CA VAL A 215 7.58 6.71 15.61
C VAL A 215 6.15 6.53 15.07
N LEU A 216 5.93 5.60 14.13
CA LEU A 216 4.58 5.37 13.58
C LEU A 216 3.77 4.46 14.50
N TRP A 217 4.44 3.57 15.25
CA TRP A 217 3.79 2.81 16.34
C TRP A 217 3.33 3.77 17.44
N ASP A 218 4.19 4.76 17.78
CA ASP A 218 3.82 5.79 18.77
C ASP A 218 2.51 6.46 18.33
N GLU A 219 2.45 6.84 17.05
CA GLU A 219 1.32 7.56 16.50
C GLU A 219 0.08 6.66 16.46
N LEU A 220 0.26 5.40 16.03
CA LEU A 220 -0.86 4.45 15.92
C LEU A 220 -1.52 4.24 17.28
N LEU A 221 -0.70 4.07 18.33
CA LEU A 221 -1.22 3.77 19.67
C LEU A 221 -1.80 5.03 20.33
N ALA A 222 -1.41 6.22 19.85
CA ALA A 222 -2.00 7.48 20.32
C ALA A 222 -3.43 7.63 19.76
N GLU A 223 -3.65 7.20 18.51
CA GLU A 223 -4.97 7.22 17.86
C GLU A 223 -5.91 6.16 18.47
N ALA A 224 -5.38 5.25 19.28
CA ALA A 224 -6.12 4.11 19.83
C ALA A 224 -7.05 4.54 20.99
N LYS A 225 -6.70 5.63 21.68
CA LYS A 225 -7.51 6.12 22.81
C LYS A 225 -8.65 6.99 22.27
N ALA A 226 -9.69 7.15 23.10
CA ALA A 226 -10.88 7.93 22.76
C ALA A 226 -10.52 9.43 22.71
N ALA A 227 -11.22 10.16 21.84
CA ALA A 227 -11.09 11.62 21.71
C ALA A 227 -12.42 12.27 22.06
N PRO A 228 -12.44 13.35 22.88
CA PRO A 228 -13.68 14.03 23.23
C PRO A 228 -14.38 14.59 21.97
N GLY A 229 -15.56 14.04 21.66
CA GLY A 229 -16.33 14.41 20.46
C GLY A 229 -15.69 13.91 19.17
N GLY A 230 -14.88 12.84 19.28
CA GLY A 230 -14.16 12.25 18.16
C GLY A 230 -14.35 10.74 18.12
N ASP A 231 -13.26 10.03 17.80
CA ASP A 231 -13.27 8.57 17.69
C ASP A 231 -13.41 7.95 19.08
N ARG A 232 -14.02 6.76 19.11
CA ARG A 232 -14.20 5.97 20.33
C ARG A 232 -12.91 5.20 20.60
N GLU A 233 -12.80 4.64 21.81
CA GLU A 233 -11.65 3.85 22.22
C GLU A 233 -11.48 2.64 21.29
N SER A 234 -10.23 2.31 20.99
CA SER A 234 -9.89 1.11 20.22
C SER A 234 -9.57 -0.03 21.18
N PHE A 235 -9.97 -1.24 20.77
CA PHE A 235 -9.63 -2.46 21.45
C PHE A 235 -8.86 -3.37 20.49
N ALA A 236 -8.17 -4.35 21.05
CA ALA A 236 -7.39 -5.28 20.29
C ALA A 236 -7.80 -6.70 20.65
N LEU A 237 -7.82 -7.56 19.63
CA LEU A 237 -7.90 -9.00 19.75
C LEU A 237 -6.52 -9.55 19.39
N LEU A 238 -5.91 -10.27 20.33
CA LEU A 238 -4.52 -10.67 20.23
C LEU A 238 -4.42 -12.20 20.26
N HIS A 239 -3.79 -12.74 19.21
CA HIS A 239 -3.42 -14.15 19.04
C HIS A 239 -1.89 -14.21 18.97
N PRO A 240 -1.23 -15.34 19.33
CA PRO A 240 0.22 -15.43 19.19
C PRO A 240 0.74 -15.10 17.77
N ASP A 241 -0.09 -15.31 16.75
CA ASP A 241 0.30 -15.17 15.33
C ASP A 241 -0.64 -14.21 14.58
N GLY A 242 -1.29 -13.29 15.30
CA GLY A 242 -2.10 -12.27 14.65
C GLY A 242 -2.76 -11.34 15.65
N TYR A 243 -3.20 -10.17 15.17
CA TYR A 243 -3.98 -9.23 15.96
C TYR A 243 -4.96 -8.50 15.04
N ALA A 244 -6.00 -7.95 15.67
CA ALA A 244 -6.97 -7.07 15.06
C ALA A 244 -7.19 -5.86 15.99
N LEU A 245 -7.13 -4.66 15.41
CA LEU A 245 -7.48 -3.41 16.10
C LEU A 245 -8.83 -2.96 15.56
N TYR A 246 -9.76 -2.66 16.45
CA TYR A 246 -11.09 -2.25 16.04
C TYR A 246 -11.63 -1.22 17.03
N ARG A 247 -12.61 -0.45 16.55
CA ARG A 247 -13.36 0.50 17.35
C ARG A 247 -14.79 0.57 16.80
N VAL A 248 -15.74 0.90 17.68
CA VAL A 248 -17.11 1.19 17.28
C VAL A 248 -17.10 2.52 16.53
N ASP A 249 -17.87 2.58 15.44
CA ASP A 249 -18.01 3.79 14.61
C ASP A 249 -18.60 4.93 15.45
N ARG A 250 -18.19 6.16 15.13
CA ARG A 250 -18.63 7.40 15.81
C ARG A 250 -20.16 7.48 15.90
N THR A 251 -20.82 7.31 14.75
CA THR A 251 -22.25 7.64 14.60
C THR A 251 -23.10 6.37 14.48
N ASP A 252 -22.66 5.39 13.69
CA ASP A 252 -23.35 4.09 13.59
C ASP A 252 -22.83 3.16 14.70
N LEU A 253 -23.61 3.08 15.79
CA LEU A 253 -23.19 2.40 17.02
C LEU A 253 -23.42 0.88 16.93
N LYS A 254 -23.91 0.39 15.79
CA LYS A 254 -24.05 -1.04 15.52
C LYS A 254 -22.99 -1.50 14.52
N LEU A 255 -22.05 -0.62 14.17
CA LEU A 255 -20.95 -0.93 13.25
C LEU A 255 -19.61 -0.88 13.99
N ALA A 256 -18.86 -2.00 13.90
CA ALA A 256 -17.47 -2.06 14.36
C ALA A 256 -16.55 -1.98 13.14
N ARG A 257 -15.57 -1.06 13.19
CA ARG A 257 -14.60 -0.89 12.13
C ARG A 257 -13.27 -1.51 12.57
N VAL A 258 -12.82 -2.51 11.80
CA VAL A 258 -11.49 -3.09 11.98
C VAL A 258 -10.51 -2.20 11.22
N SER A 259 -9.68 -1.45 11.96
CA SER A 259 -8.73 -0.54 11.34
C SER A 259 -7.55 -1.32 10.73
N GLU A 260 -7.27 -2.50 11.30
CA GLU A 260 -6.07 -3.26 10.98
C GLU A 260 -6.18 -4.69 11.53
N LEU A 261 -5.97 -5.67 10.65
CA LEU A 261 -5.87 -7.06 11.01
C LEU A 261 -4.66 -7.65 10.30
N ARG A 262 -3.69 -8.12 11.10
CA ARG A 262 -2.47 -8.73 10.63
C ARG A 262 -2.39 -10.14 11.22
N ALA A 263 -2.28 -11.12 10.33
CA ALA A 263 -2.29 -12.53 10.67
C ALA A 263 -1.26 -13.23 9.80
N VAL A 264 -0.41 -14.04 10.46
CA VAL A 264 0.72 -14.72 9.85
C VAL A 264 0.34 -16.16 9.49
N THR A 265 -0.71 -16.71 10.10
CA THR A 265 -1.21 -18.06 9.83
C THR A 265 -2.71 -18.02 9.55
N ALA A 266 -3.21 -19.04 8.86
CA ALA A 266 -4.64 -19.18 8.59
C ALA A 266 -5.41 -19.39 9.90
N ASP A 267 -4.79 -20.11 10.84
CA ASP A 267 -5.37 -20.37 12.16
C ASP A 267 -5.65 -19.04 12.86
N ALA A 268 -4.65 -18.15 12.88
CA ALA A 268 -4.77 -16.82 13.51
C ALA A 268 -5.90 -16.01 12.85
N HIS A 269 -5.91 -16.01 11.52
CA HIS A 269 -6.91 -15.26 10.74
C HIS A 269 -8.32 -15.72 11.11
N CYS A 270 -8.54 -17.04 11.15
CA CYS A 270 -9.85 -17.60 11.49
C CYS A 270 -10.21 -17.28 12.94
N ALA A 271 -9.27 -17.46 13.86
CA ALA A 271 -9.54 -17.27 15.29
C ALA A 271 -9.91 -15.80 15.56
N LEU A 272 -9.20 -14.87 14.91
CA LEU A 272 -9.51 -13.45 15.07
C LEU A 272 -10.93 -13.16 14.54
N TRP A 273 -11.33 -13.83 13.46
CA TRP A 273 -12.65 -13.59 12.86
C TRP A 273 -13.76 -14.25 13.69
N ARG A 274 -13.46 -15.39 14.32
CA ARG A 274 -14.39 -15.98 15.29
C ARG A 274 -14.66 -14.99 16.43
N ALA A 275 -13.61 -14.30 16.90
CA ALA A 275 -13.76 -13.32 17.99
C ALA A 275 -14.54 -12.08 17.52
N LEU A 276 -14.29 -11.62 16.28
CA LEU A 276 -14.95 -10.40 15.77
C LEU A 276 -16.45 -10.66 15.57
N ILE A 277 -16.80 -11.84 15.07
CA ILE A 277 -18.20 -12.27 14.88
C ILE A 277 -18.89 -12.43 16.25
N GLY A 278 -18.09 -12.64 17.31
CA GLY A 278 -18.60 -12.71 18.68
C GLY A 278 -18.85 -11.35 19.33
N LEU A 279 -18.73 -10.25 18.57
CA LEU A 279 -19.11 -8.93 19.10
C LEU A 279 -20.62 -8.76 19.00
N ASP A 280 -21.33 -9.33 19.98
CA ASP A 280 -22.77 -9.61 19.90
C ASP A 280 -23.59 -8.32 19.96
N SER A 281 -23.01 -7.21 20.47
CA SER A 281 -23.73 -5.93 20.48
C SER A 281 -23.67 -5.22 19.11
N MET A 282 -22.90 -5.74 18.15
CA MET A 282 -22.79 -5.14 16.80
C MET A 282 -23.69 -5.90 15.81
N GLU A 283 -24.19 -5.18 14.81
CA GLU A 283 -24.89 -5.77 13.67
C GLU A 283 -23.88 -6.10 12.55
N ARG A 284 -22.92 -5.20 12.35
CA ARG A 284 -22.02 -5.24 11.20
C ARG A 284 -20.56 -5.04 11.65
N ILE A 285 -19.67 -5.82 11.04
CA ILE A 285 -18.22 -5.65 11.11
C ILE A 285 -17.72 -5.31 9.71
N SER A 286 -16.98 -4.20 9.58
CA SER A 286 -16.36 -3.80 8.33
C SER A 286 -14.83 -3.82 8.46
N ILE A 287 -14.16 -4.10 7.34
CA ILE A 287 -12.71 -4.07 7.27
C ILE A 287 -12.29 -3.70 5.83
N ILE A 288 -11.22 -2.92 5.75
CA ILE A 288 -10.53 -2.67 4.48
C ILE A 288 -9.42 -3.72 4.37
N THR A 289 -9.60 -4.64 3.42
CA THR A 289 -8.75 -5.79 3.23
C THR A 289 -8.32 -5.82 1.76
N HIS A 290 -8.01 -7.02 1.25
CA HIS A 290 -7.57 -7.23 -0.13
C HIS A 290 -8.50 -8.21 -0.83
N PRO A 291 -8.53 -8.26 -2.19
CA PRO A 291 -9.50 -9.08 -2.92
C PRO A 291 -9.46 -10.59 -2.62
N GLN A 292 -8.32 -11.10 -2.15
CA GLN A 292 -8.13 -12.53 -1.88
C GLN A 292 -8.27 -12.86 -0.39
N ASP A 293 -8.86 -11.95 0.41
CA ASP A 293 -9.14 -12.25 1.83
C ASP A 293 -10.02 -13.49 1.89
N PRO A 294 -9.59 -14.56 2.60
CA PRO A 294 -10.35 -15.81 2.67
C PRO A 294 -11.64 -15.77 3.52
N LEU A 295 -11.91 -14.66 4.21
CA LEU A 295 -13.03 -14.54 5.12
C LEU A 295 -14.32 -15.11 4.54
N PRO A 296 -14.75 -14.78 3.30
CA PRO A 296 -16.04 -15.26 2.80
C PRO A 296 -16.16 -16.79 2.86
N HIS A 297 -15.04 -17.48 2.65
CA HIS A 297 -14.97 -18.94 2.53
C HIS A 297 -14.97 -19.63 3.90
N LEU A 298 -14.80 -18.84 4.98
CA LEU A 298 -14.86 -19.35 6.34
C LEU A 298 -16.31 -19.51 6.80
N LEU A 299 -17.26 -18.88 6.10
CA LEU A 299 -18.68 -18.87 6.47
C LEU A 299 -19.47 -19.86 5.61
N THR A 300 -20.61 -20.33 6.13
CA THR A 300 -21.52 -21.20 5.38
C THR A 300 -22.22 -20.42 4.27
N ASP A 301 -22.37 -19.10 4.46
CA ASP A 301 -22.93 -18.20 3.44
C ASP A 301 -21.87 -17.14 3.06
N THR A 302 -21.18 -17.37 1.93
CA THR A 302 -20.10 -16.50 1.45
C THR A 302 -20.62 -15.09 1.16
N ARG A 303 -21.92 -14.99 0.86
CA ARG A 303 -22.55 -13.75 0.42
C ARG A 303 -22.62 -12.72 1.59
N LEU A 304 -22.58 -13.22 2.84
CA LEU A 304 -22.66 -12.35 4.03
C LEU A 304 -21.46 -11.40 4.12
N ALA A 305 -20.33 -11.78 3.52
CA ALA A 305 -19.17 -10.89 3.41
C ALA A 305 -19.31 -10.06 2.13
N ARG A 306 -20.05 -8.95 2.23
CA ARG A 306 -20.39 -8.11 1.08
C ARG A 306 -19.23 -7.14 0.81
N THR A 307 -18.88 -7.00 -0.47
CA THR A 307 -17.95 -5.98 -0.92
C THR A 307 -18.72 -4.66 -1.05
N THR A 308 -18.45 -3.72 -0.13
CA THR A 308 -19.14 -2.46 -0.05
C THR A 308 -18.34 -1.33 -0.71
N TRP A 309 -17.07 -1.59 -1.07
CA TRP A 309 -16.15 -0.54 -1.53
C TRP A 309 -14.87 -1.16 -2.11
N ARG A 310 -14.41 -0.61 -3.23
CA ARG A 310 -13.16 -1.02 -3.89
C ARG A 310 -12.44 0.22 -4.41
N GLN A 311 -11.11 0.23 -4.27
CA GLN A 311 -10.30 1.35 -4.70
C GLN A 311 -8.83 0.93 -4.79
N ASP A 312 -8.11 1.60 -5.69
CA ASP A 312 -6.65 1.58 -5.74
C ASP A 312 -6.08 1.87 -4.35
N GLY A 313 -5.06 1.09 -3.97
CA GLY A 313 -4.28 1.31 -2.76
C GLY A 313 -2.97 2.01 -3.06
N LEU A 314 -1.87 1.25 -2.99
CA LEU A 314 -0.52 1.78 -3.24
C LEU A 314 -0.30 1.91 -4.74
N TRP A 315 0.30 3.05 -5.13
CA TRP A 315 0.73 3.33 -6.49
C TRP A 315 2.26 3.23 -6.55
N LEU A 316 2.78 2.63 -7.64
CA LEU A 316 4.21 2.46 -7.83
C LEU A 316 4.66 3.17 -9.10
N ARG A 317 5.80 3.87 -9.00
CA ARG A 317 6.59 4.30 -10.14
C ARG A 317 7.93 3.57 -10.10
N ILE A 318 8.17 2.72 -11.11
CA ILE A 318 9.46 2.06 -11.31
C ILE A 318 10.46 3.14 -11.74
N MET A 319 11.48 3.38 -10.91
CA MET A 319 12.51 4.42 -11.19
C MET A 319 13.59 3.83 -12.10
N ASN A 320 13.99 2.58 -11.81
CA ASN A 320 15.02 1.86 -12.54
C ASN A 320 14.45 0.49 -12.95
N VAL A 321 14.15 0.34 -14.24
CA VAL A 321 13.47 -0.84 -14.77
C VAL A 321 14.32 -2.08 -14.53
N PRO A 322 15.58 -2.14 -15.02
CA PRO A 322 16.42 -3.32 -14.81
C PRO A 322 16.53 -3.75 -13.34
N ALA A 323 16.83 -2.80 -12.45
CA ALA A 323 17.00 -3.11 -11.02
C ALA A 323 15.71 -3.69 -10.43
N ALA A 324 14.57 -3.06 -10.73
CA ALA A 324 13.28 -3.48 -10.18
C ALA A 324 12.93 -4.88 -10.70
N LEU A 325 13.05 -5.10 -12.01
CA LEU A 325 12.63 -6.37 -12.60
C LEU A 325 13.55 -7.51 -12.15
N GLU A 326 14.85 -7.23 -11.97
CA GLU A 326 15.80 -8.26 -11.51
C GLU A 326 15.60 -8.55 -10.01
N ALA A 327 15.09 -7.58 -9.24
CA ALA A 327 15.05 -7.70 -7.77
C ALA A 327 13.92 -8.64 -7.29
N ARG A 328 12.76 -8.63 -7.98
CA ARG A 328 11.61 -9.44 -7.52
C ARG A 328 11.73 -10.88 -8.02
N GLY A 329 11.07 -11.79 -7.30
CA GLY A 329 10.91 -13.19 -7.69
C GLY A 329 9.73 -13.38 -8.62
N TYR A 330 9.78 -14.43 -9.44
CA TYR A 330 8.75 -14.74 -10.42
C TYR A 330 8.26 -16.17 -10.18
N ALA A 331 7.08 -16.49 -10.72
CA ALA A 331 6.47 -17.81 -10.53
C ALA A 331 7.38 -18.89 -11.14
N HIS A 332 7.66 -19.92 -10.34
CA HIS A 332 8.48 -21.07 -10.76
C HIS A 332 7.74 -21.94 -11.77
N GLU A 333 6.41 -21.79 -11.86
CA GLU A 333 5.57 -22.71 -12.66
C GLU A 333 5.85 -22.49 -14.15
N VAL A 334 5.96 -21.24 -14.59
CA VAL A 334 6.18 -20.90 -15.99
C VAL A 334 7.61 -21.31 -16.40
N GLY A 335 7.73 -21.90 -17.59
CA GLY A 335 9.01 -22.31 -18.13
C GLY A 335 9.79 -21.11 -18.63
N GLU A 336 11.11 -21.23 -18.66
CA GLU A 336 12.02 -20.17 -19.11
C GLU A 336 11.53 -19.60 -20.44
N PHE A 337 11.57 -18.26 -20.56
CA PHE A 337 11.25 -17.57 -21.81
C PHE A 337 12.01 -16.23 -21.85
N SER A 338 12.19 -15.73 -23.08
CA SER A 338 12.87 -14.46 -23.36
C SER A 338 11.97 -13.59 -24.23
N THR A 339 12.07 -12.28 -24.03
CA THR A 339 11.35 -11.31 -24.81
C THR A 339 12.12 -9.98 -24.77
N VAL A 340 11.61 -8.99 -25.51
CA VAL A 340 12.13 -7.64 -25.51
C VAL A 340 11.02 -6.70 -25.08
N LEU A 341 11.26 -6.01 -23.96
CA LEU A 341 10.34 -5.07 -23.36
C LEU A 341 10.83 -3.64 -23.62
N GLU A 342 9.93 -2.82 -24.17
CA GLU A 342 10.13 -1.39 -24.25
C GLU A 342 9.16 -0.67 -23.29
N VAL A 343 9.73 0.14 -22.40
CA VAL A 343 9.00 1.13 -21.62
C VAL A 343 9.11 2.47 -22.35
N SER A 344 7.95 3.11 -22.61
CA SER A 344 7.90 4.41 -23.29
C SER A 344 8.81 5.41 -22.55
N ASP A 345 9.81 5.95 -23.26
CA ASP A 345 10.77 6.91 -22.69
C ASP A 345 11.39 6.37 -21.38
N GLY A 346 11.57 5.05 -21.31
CA GLY A 346 12.13 4.40 -20.10
C GLY A 346 13.17 3.33 -20.41
N GLY A 347 13.51 3.16 -21.70
CA GLY A 347 14.50 2.19 -22.17
C GLY A 347 13.86 0.97 -22.83
N ARG A 348 14.71 0.18 -23.51
CA ARG A 348 14.32 -1.10 -24.08
C ARG A 348 15.27 -2.18 -23.56
N PHE A 349 14.71 -3.36 -23.22
CA PHE A 349 15.43 -4.39 -22.46
C PHE A 349 15.15 -5.79 -23.00
N ALA A 350 16.20 -6.60 -23.03
CA ALA A 350 16.11 -8.04 -23.18
C ALA A 350 15.77 -8.63 -21.81
N LEU A 351 14.55 -9.16 -21.70
CA LEU A 351 14.02 -9.71 -20.46
C LEU A 351 13.97 -11.23 -20.59
N LYS A 352 14.72 -11.91 -19.72
CA LYS A 352 14.81 -13.35 -19.65
C LYS A 352 14.38 -13.78 -18.25
N ILE A 353 13.33 -14.61 -18.19
CA ILE A 353 12.73 -15.07 -16.93
C ILE A 353 12.77 -16.60 -16.92
N GLY A 354 13.35 -17.16 -15.85
CA GLY A 354 13.37 -18.59 -15.64
C GLY A 354 13.84 -18.92 -14.22
N ASP A 355 13.32 -20.03 -13.67
CA ASP A 355 13.66 -20.51 -12.32
C ASP A 355 13.38 -19.41 -11.29
N GLY A 356 12.29 -18.67 -11.52
CA GLY A 356 11.80 -17.64 -10.60
C GLY A 356 12.66 -16.38 -10.53
N ARG A 357 13.62 -16.23 -11.44
CA ARG A 357 14.51 -15.05 -11.48
C ARG A 357 14.47 -14.42 -12.89
N ALA A 358 14.72 -13.12 -12.96
CA ALA A 358 14.75 -12.38 -14.21
C ALA A 358 16.14 -11.78 -14.42
N ARG A 359 16.59 -11.79 -15.69
CA ARG A 359 17.72 -11.01 -16.15
C ARG A 359 17.20 -9.97 -17.15
N CYS A 360 17.60 -8.71 -16.95
CA CYS A 360 17.07 -7.56 -17.69
C CYS A 360 18.23 -6.66 -18.12
N THR A 361 18.56 -6.68 -19.43
CA THR A 361 19.78 -6.06 -19.99
C THR A 361 19.44 -5.17 -21.18
N PRO A 362 20.24 -4.12 -21.46
CA PRO A 362 19.99 -3.23 -22.59
C PRO A 362 19.98 -3.95 -23.94
N THR A 363 19.15 -3.46 -24.88
CA THR A 363 19.10 -4.00 -26.21
C THR A 363 18.50 -2.94 -27.14
N ASP A 364 18.86 -3.02 -28.43
CA ASP A 364 18.23 -2.25 -29.47
C ASP A 364 17.48 -3.17 -30.42
N ALA A 365 17.37 -4.46 -30.07
CA ALA A 365 16.53 -5.41 -30.83
C ALA A 365 15.07 -4.95 -30.83
N ALA A 366 14.31 -5.37 -31.85
CA ALA A 366 12.90 -4.98 -32.00
C ALA A 366 12.12 -5.37 -30.75
N ALA A 367 11.24 -4.47 -30.30
CA ALA A 367 10.40 -4.69 -29.13
C ALA A 367 9.31 -5.71 -29.45
N GLU A 368 9.04 -6.62 -28.51
CA GLU A 368 7.92 -7.56 -28.58
C GLU A 368 6.77 -7.09 -27.67
N ILE A 369 7.10 -6.28 -26.66
CA ILE A 369 6.15 -5.72 -25.70
C ILE A 369 6.46 -4.24 -25.50
N GLU A 370 5.43 -3.40 -25.60
CA GLU A 370 5.53 -1.99 -25.27
C GLU A 370 4.48 -1.65 -24.20
N MET A 371 4.83 -0.71 -23.33
CA MET A 371 3.93 -0.17 -22.32
C MET A 371 4.55 1.10 -21.73
N ASP A 372 3.69 2.02 -21.25
CA ASP A 372 4.11 3.17 -20.47
C ASP A 372 4.64 2.69 -19.12
N ARG A 373 5.39 3.57 -18.44
CA ARG A 373 6.05 3.25 -17.18
C ARG A 373 5.02 2.89 -16.09
N ASP A 374 3.88 3.57 -16.09
CA ASP A 374 2.83 3.39 -15.07
C ASP A 374 2.27 1.96 -15.11
N VAL A 375 2.17 1.41 -16.32
CA VAL A 375 1.61 0.09 -16.56
C VAL A 375 2.50 -0.96 -15.89
N LEU A 376 3.82 -0.75 -15.98
CA LEU A 376 4.77 -1.68 -15.40
C LEU A 376 4.60 -1.68 -13.86
N GLY A 377 4.39 -0.50 -13.27
CA GLY A 377 4.14 -0.39 -11.83
C GLY A 377 2.92 -1.19 -11.42
N SER A 378 1.87 -1.16 -12.25
CA SER A 378 0.63 -1.88 -12.01
C SER A 378 0.82 -3.41 -12.07
N LEU A 379 1.74 -3.88 -12.92
CA LEU A 379 2.02 -5.31 -13.06
C LEU A 379 2.92 -5.80 -11.91
N TYR A 380 3.69 -4.88 -11.29
CA TYR A 380 4.94 -5.24 -10.61
C TYR A 380 4.70 -6.13 -9.37
N LEU A 381 3.59 -5.89 -8.65
CA LEU A 381 3.29 -6.68 -7.42
C LEU A 381 2.25 -7.77 -7.72
N GLY A 382 1.81 -7.88 -8.98
CA GLY A 382 0.92 -8.96 -9.41
C GLY A 382 -0.57 -8.68 -9.15
N ALA A 383 -0.94 -7.43 -8.89
CA ALA A 383 -2.34 -7.07 -8.61
C ALA A 383 -3.17 -7.05 -9.91
N HIS A 384 -2.55 -6.65 -11.02
CA HIS A 384 -3.21 -6.59 -12.31
C HIS A 384 -2.53 -7.58 -13.27
N ARG A 385 -3.35 -8.24 -14.09
CA ARG A 385 -2.91 -9.17 -15.11
C ARG A 385 -2.51 -8.40 -16.37
N ALA A 386 -1.38 -8.80 -16.95
CA ALA A 386 -0.93 -8.32 -18.27
C ALA A 386 -2.06 -8.40 -19.30
N SER A 387 -2.79 -9.53 -19.31
CA SER A 387 -3.88 -9.79 -20.27
C SER A 387 -4.94 -8.69 -20.20
N THR A 388 -5.27 -8.29 -18.98
CA THR A 388 -6.30 -7.29 -18.72
C THR A 388 -5.85 -5.93 -19.26
N LEU A 389 -4.60 -5.58 -19.01
CA LEU A 389 -4.04 -4.31 -19.47
C LEU A 389 -3.88 -4.35 -21.00
N ALA A 390 -3.56 -5.52 -21.55
CA ALA A 390 -3.49 -5.69 -23.00
C ALA A 390 -4.85 -5.44 -23.64
N ALA A 391 -5.93 -5.93 -23.00
CA ALA A 391 -7.28 -5.77 -23.53
C ALA A 391 -7.66 -4.28 -23.60
N ALA A 392 -7.09 -3.45 -22.73
CA ALA A 392 -7.31 -1.99 -22.75
C ALA A 392 -6.29 -1.29 -23.65
N ASN A 393 -5.32 -2.06 -24.19
CA ASN A 393 -4.28 -1.57 -25.08
C ASN A 393 -3.30 -0.64 -24.35
N ARG A 394 -3.20 -0.79 -23.02
CA ARG A 394 -2.18 -0.10 -22.19
C ARG A 394 -0.85 -0.86 -22.32
N LEU A 395 -0.94 -2.10 -22.80
CA LEU A 395 0.18 -3.00 -23.01
C LEU A 395 0.01 -3.60 -24.41
N ARG A 396 1.01 -3.38 -25.29
CA ARG A 396 0.93 -3.77 -26.71
C ARG A 396 1.93 -4.90 -27.01
N THR A 397 1.40 -6.01 -27.50
CA THR A 397 2.18 -7.10 -28.10
C THR A 397 1.34 -7.75 -29.20
N LYS A 398 1.99 -8.48 -30.11
CA LYS A 398 1.30 -9.18 -31.20
C LYS A 398 1.28 -10.69 -30.93
N ASP A 399 1.89 -11.11 -29.82
CA ASP A 399 2.04 -12.51 -29.45
C ASP A 399 1.23 -12.81 -28.17
N SER A 400 0.17 -13.60 -28.29
CA SER A 400 -0.75 -13.87 -27.18
C SER A 400 -0.16 -14.93 -26.24
N GLN A 401 0.73 -15.78 -26.76
CA GLN A 401 1.50 -16.73 -25.93
C GLN A 401 2.40 -15.98 -24.93
N LEU A 402 3.02 -14.90 -25.40
CA LEU A 402 3.89 -14.07 -24.56
C LEU A 402 3.08 -13.43 -23.43
N LEU A 403 1.88 -12.97 -23.77
CA LEU A 403 0.93 -12.39 -22.83
C LEU A 403 0.64 -13.37 -21.69
N ARG A 404 0.26 -14.62 -22.03
CA ARG A 404 -0.01 -15.65 -21.02
C ARG A 404 1.21 -15.87 -20.14
N ARG A 405 2.41 -15.89 -20.75
CA ARG A 405 3.66 -16.13 -20.02
C ARG A 405 3.95 -15.00 -19.04
N LEU A 406 3.67 -13.75 -19.44
CA LEU A 406 3.84 -12.59 -18.56
C LEU A 406 2.89 -12.67 -17.37
N ASP A 407 1.60 -12.90 -17.65
CA ASP A 407 0.56 -13.08 -16.63
C ASP A 407 1.04 -14.05 -15.54
N ALA A 408 1.48 -15.23 -15.98
CA ALA A 408 1.84 -16.30 -15.07
C ALA A 408 3.11 -15.93 -14.31
N ALA A 409 4.08 -15.32 -15.00
CA ALA A 409 5.40 -15.05 -14.42
C ALA A 409 5.28 -13.98 -13.33
N PHE A 410 4.54 -12.91 -13.61
CA PHE A 410 4.47 -11.73 -12.71
C PHE A 410 3.47 -11.97 -11.56
N ALA A 411 2.64 -13.02 -11.66
CA ALA A 411 1.67 -13.33 -10.61
C ALA A 411 2.40 -13.62 -9.30
N SER A 412 1.73 -13.32 -8.19
CA SER A 412 2.29 -13.47 -6.85
C SER A 412 1.63 -14.65 -6.14
N ASP A 413 2.48 -15.60 -5.75
CA ASP A 413 2.14 -16.73 -4.88
C ASP A 413 1.33 -16.24 -3.67
N VAL A 414 1.91 -15.28 -2.93
CA VAL A 414 1.28 -14.67 -1.76
C VAL A 414 0.48 -13.45 -2.22
N PRO A 415 -0.85 -13.39 -1.98
CA PRO A 415 -1.66 -12.28 -2.47
C PRO A 415 -1.10 -10.93 -1.98
N VAL A 416 -1.13 -9.92 -2.86
CA VAL A 416 -0.63 -8.59 -2.54
C VAL A 416 -1.66 -7.89 -1.65
N GLN A 417 -1.16 -7.23 -0.61
CA GLN A 417 -1.94 -6.52 0.40
C GLN A 417 -1.41 -5.09 0.53
N THR A 418 -2.12 -4.26 1.30
CA THR A 418 -1.76 -2.86 1.52
C THR A 418 -1.43 -2.67 2.99
N ALA A 419 -0.28 -2.06 3.27
CA ALA A 419 0.30 -2.01 4.60
C ALA A 419 -0.36 -0.89 5.42
N PHE A 420 0.08 0.35 5.20
CA PHE A 420 -0.52 1.50 5.84
C PHE A 420 -0.38 2.68 4.87
N GLU A 421 -1.35 3.59 4.98
CA GLU A 421 -1.42 4.78 4.17
C GLU A 421 -0.34 5.78 4.64
N PHE A 422 0.21 6.53 3.67
CA PHE A 422 1.19 7.59 3.93
C PHE A 422 0.98 8.70 2.89
C10 RNV B . -1.92 11.47 3.10
C12 RNV B . -3.15 13.55 2.90
N01 RNV B . 2.72 11.12 5.29
C02 RNV B . 2.02 11.69 6.42
N03 RNV B . 0.92 11.10 6.83
C04 RNV B . 0.23 11.58 7.86
S05 RNV B . -1.27 10.68 8.37
C06 RNV B . -1.26 9.04 7.54
C07 RNV B . -1.99 9.17 6.17
N08 RNV B . -1.51 10.07 5.12
C09 RNV B . -2.24 10.15 3.84
N11 RNV B . -2.41 12.66 3.81
C13 RNV B . -2.68 13.51 1.44
C14 RNV B . -1.32 13.37 4.49
C15 RNV B . -1.78 13.90 5.85
O16 RNV B . -2.95 8.53 5.97
N17 RNV B . 0.59 12.66 8.54
C18 RNV B . 1.71 13.33 8.20
C19 RNV B . 2.47 12.85 7.12
C20 RNV B . 3.71 13.71 6.83
C21 RNV B . 3.75 14.77 7.78
C22 RNV B . 4.88 15.83 7.79
C23 RNV B . 6.00 15.54 6.73
C24 RNV B . 6.10 14.06 6.27
C25 RNV B . 4.76 13.53 5.78
S26 RNV B . 2.42 14.69 8.83
C10 RNV C . -6.09 -9.79 6.78
C12 RNV C . -4.26 -11.28 6.83
C06 RNV C . -6.21 -4.77 7.35
C07 RNV C . -6.45 -5.98 6.41
N08 RNV C . -6.47 -7.34 6.97
C09 RNV C . -6.68 -8.52 6.12
N11 RNV C . -5.20 -10.60 5.94
C13 RNV C . -3.17 -10.34 7.36
C14 RNV C . -6.02 -11.59 5.21
C15 RNV C . -5.24 -12.78 4.63
C1 GOL D . -0.88 21.95 -11.29
O1 GOL D . -0.24 22.28 -10.06
C2 GOL D . -0.05 22.50 -12.46
O2 GOL D . -0.89 22.86 -13.57
C3 GOL D . 1.08 21.57 -12.95
O3 GOL D . 0.82 20.17 -12.90
C1 GOL E . 19.13 12.08 1.58
O1 GOL E . 18.56 13.39 1.39
C2 GOL E . 19.17 11.26 0.29
O2 GOL E . 17.95 10.47 0.15
C3 GOL E . 20.36 10.30 0.31
O3 GOL E . 21.60 10.93 0.68
#